data_3PG0
#
_entry.id   3PG0
#
_cell.length_a   45.012
_cell.length_b   45.012
_cell.length_c   113.439
_cell.angle_alpha   90.00
_cell.angle_beta   90.00
_cell.angle_gamma   90.00
#
_symmetry.space_group_name_H-M   'P 43 21 2'
#
loop_
_entity.id
_entity.type
_entity.pdbx_description
1 polymer ThreeFoil
2 non-polymer 2-[BIS-(2-HYDROXY-ETHYL)-AMINO]-2-HYDROXYMETHYL-PROPANE-1,3-DIOL
3 non-polymer GLYCEROL
4 non-polymer 'SODIUM ION'
5 water water
#
_entity_poly.entity_id   1
_entity_poly.type   'polypeptide(L)'
_entity_poly.pdbx_seq_one_letter_code
;GSSHHHHHHHHHHSSGLVPRGSHMGDGYYKLVARHSGKALDVENASTSDGANVIQYSYSGGDNQQWRLVDLGDGYYKLVA
RHSGKALDVENASTSDGANVIQYSYSGGDNQQWRLVDLGDGYYKLVARHSGKALDVENASTSDGANVIQYSYSGGDNQQW
RLVDL
;
_entity_poly.pdbx_strand_id   A
#
# COMPACT_ATOMS: atom_id res chain seq x y z
N ASP A 26 -0.50 17.49 -7.73
CA ASP A 26 -1.77 17.03 -7.19
C ASP A 26 -1.77 17.06 -5.66
N GLY A 27 -0.70 16.52 -5.08
CA GLY A 27 -0.68 16.17 -3.68
C GLY A 27 -0.92 14.67 -3.56
N TYR A 28 -1.22 14.05 -4.69
CA TYR A 28 -1.49 12.61 -4.74
C TYR A 28 -0.37 11.87 -5.46
N TYR A 29 -0.29 10.57 -5.21
CA TYR A 29 0.70 9.69 -5.80
C TYR A 29 0.04 8.44 -6.34
N LYS A 30 0.63 7.86 -7.38
N LYS A 30 0.67 7.83 -7.34
CA LYS A 30 0.33 6.47 -7.65
CA LYS A 30 0.33 6.46 -7.72
C LYS A 30 1.51 5.67 -7.12
C LYS A 30 1.51 5.54 -7.39
N LEU A 31 1.22 4.46 -6.68
CA LEU A 31 2.25 3.57 -6.20
C LEU A 31 2.29 2.37 -7.12
N VAL A 32 3.43 2.19 -7.79
CA VAL A 32 3.56 1.19 -8.85
C VAL A 32 4.55 0.12 -8.41
N ALA A 33 4.11 -1.13 -8.44
CA ALA A 33 4.99 -2.25 -8.08
C ALA A 33 6.08 -2.43 -9.12
N ARG A 34 7.30 -2.66 -8.65
CA ARG A 34 8.45 -2.74 -9.54
C ARG A 34 8.35 -3.90 -10.52
N HIS A 35 7.86 -5.04 -10.03
CA HIS A 35 7.82 -6.23 -10.87
C HIS A 35 6.78 -6.12 -11.98
N SER A 36 5.63 -5.53 -11.68
CA SER A 36 4.48 -5.63 -12.57
C SER A 36 4.20 -4.33 -13.31
N GLY A 37 4.64 -3.21 -12.73
CA GLY A 37 4.34 -1.90 -13.27
C GLY A 37 2.87 -1.53 -13.08
N LYS A 38 2.17 -2.32 -12.28
N LYS A 38 2.19 -2.29 -12.23
CA LYS A 38 0.77 -2.03 -11.99
CA LYS A 38 0.79 -2.07 -11.95
C LYS A 38 0.65 -1.21 -10.71
C LYS A 38 0.59 -1.39 -10.59
N ALA A 39 -0.56 -0.74 -10.42
CA ALA A 39 -0.77 0.22 -9.36
C ALA A 39 -1.52 -0.32 -8.14
N LEU A 40 -1.19 0.25 -6.99
CA LEU A 40 -1.94 0.01 -5.76
C LEU A 40 -3.37 0.54 -5.91
N ASP A 41 -4.34 -0.33 -5.69
CA ASP A 41 -5.70 -0.09 -6.15
C ASP A 41 -6.73 -0.56 -5.13
N VAL A 42 -7.70 0.29 -4.80
CA VAL A 42 -8.82 -0.18 -3.96
C VAL A 42 -9.90 -0.78 -4.86
N GLU A 43 -10.17 -2.06 -4.63
CA GLU A 43 -10.90 -2.90 -5.57
C GLU A 43 -12.27 -2.34 -5.95
N ASN A 44 -12.44 -2.12 -7.25
CA ASN A 44 -13.72 -1.69 -7.83
C ASN A 44 -14.22 -0.36 -7.30
N ALA A 45 -13.29 0.43 -6.76
CA ALA A 45 -13.59 1.78 -6.26
C ALA A 45 -14.64 1.77 -5.16
N SER A 46 -14.71 0.67 -4.42
CA SER A 46 -15.57 0.65 -3.25
C SER A 46 -15.03 1.64 -2.23
N THR A 47 -15.93 2.41 -1.62
CA THR A 47 -15.54 3.30 -0.52
C THR A 47 -15.66 2.61 0.83
N SER A 48 -16.03 1.32 0.83
CA SER A 48 -16.35 0.62 2.08
C SER A 48 -15.17 0.40 3.03
N ASP A 49 -15.44 0.52 4.33
CA ASP A 49 -14.54 -0.07 5.30
C ASP A 49 -14.36 -1.54 4.97
N GLY A 50 -13.11 -1.96 4.84
CA GLY A 50 -12.79 -3.35 4.56
C GLY A 50 -12.62 -3.71 3.10
N ALA A 51 -12.85 -2.76 2.19
CA ALA A 51 -12.65 -3.05 0.76
C ALA A 51 -11.22 -3.49 0.53
N ASN A 52 -11.04 -4.45 -0.36
CA ASN A 52 -9.72 -5.05 -0.55
C ASN A 52 -8.80 -4.16 -1.36
N VAL A 53 -7.50 -4.21 -1.03
CA VAL A 53 -6.49 -3.49 -1.82
C VAL A 53 -5.75 -4.51 -2.67
N ILE A 54 -5.61 -4.20 -3.95
CA ILE A 54 -5.09 -5.13 -4.95
C ILE A 54 -4.10 -4.38 -5.83
N GLN A 55 -3.55 -5.08 -6.80
CA GLN A 55 -2.77 -4.45 -7.84
C GLN A 55 -3.61 -4.42 -9.12
N TYR A 56 -3.52 -3.34 -9.88
CA TYR A 56 -4.30 -3.25 -11.11
C TYR A 56 -3.67 -2.26 -12.07
N SER A 57 -3.77 -2.55 -13.36
CA SER A 57 -3.28 -1.62 -14.37
C SER A 57 -3.79 -0.20 -14.08
N TYR A 58 -2.89 0.78 -14.17
CA TYR A 58 -3.24 2.16 -13.83
C TYR A 58 -4.12 2.81 -14.90
N SER A 59 -5.27 3.33 -14.47
CA SER A 59 -6.21 4.01 -15.36
C SER A 59 -6.41 5.47 -14.97
N GLY A 60 -5.79 5.88 -13.86
CA GLY A 60 -5.99 7.22 -13.32
C GLY A 60 -7.22 7.34 -12.45
N GLY A 61 -7.81 6.19 -12.11
CA GLY A 61 -8.98 6.18 -11.24
C GLY A 61 -8.62 6.76 -9.88
N ASP A 62 -9.57 7.45 -9.25
CA ASP A 62 -9.32 8.00 -7.92
C ASP A 62 -9.05 6.90 -6.90
N ASN A 63 -9.48 5.67 -7.20
CA ASN A 63 -9.22 4.54 -6.31
C ASN A 63 -7.79 3.98 -6.47
N GLN A 64 -7.01 4.66 -7.30
CA GLN A 64 -5.61 4.29 -7.54
C GLN A 64 -4.70 5.45 -7.22
N GLN A 65 -5.25 6.46 -6.55
CA GLN A 65 -4.45 7.62 -6.15
C GLN A 65 -4.45 7.73 -4.64
N TRP A 66 -3.28 8.04 -4.09
CA TRP A 66 -3.07 7.99 -2.65
C TRP A 66 -2.42 9.26 -2.16
N ARG A 67 -2.97 9.81 -1.09
CA ARG A 67 -2.34 10.95 -0.43
C ARG A 67 -1.38 10.41 0.60
N LEU A 68 -0.12 10.82 0.52
N LEU A 68 -0.11 10.79 0.47
CA LEU A 68 0.91 10.42 1.48
CA LEU A 68 0.88 10.48 1.47
C LEU A 68 1.04 11.43 2.62
C LEU A 68 0.77 11.54 2.54
N VAL A 69 0.41 11.10 3.74
CA VAL A 69 0.25 12.03 4.84
C VAL A 69 1.28 11.78 5.93
N ASP A 70 2.18 12.74 6.12
CA ASP A 70 3.29 12.64 7.04
C ASP A 70 2.80 12.68 8.49
N LEU A 71 3.14 11.64 9.24
CA LEU A 71 2.74 11.54 10.64
C LEU A 71 3.91 11.84 11.56
N GLY A 72 5.07 12.10 10.99
CA GLY A 72 6.29 12.31 11.76
C GLY A 72 7.04 11.01 11.99
N ASP A 73 8.34 11.11 12.26
CA ASP A 73 9.18 9.96 12.56
C ASP A 73 9.31 8.97 11.41
N GLY A 74 9.04 9.42 10.20
CA GLY A 74 9.17 8.56 9.03
C GLY A 74 7.92 7.74 8.73
N TYR A 75 6.88 7.90 9.55
CA TYR A 75 5.62 7.20 9.32
C TYR A 75 4.62 8.07 8.56
N TYR A 76 3.78 7.41 7.77
CA TYR A 76 2.75 8.04 6.95
C TYR A 76 1.46 7.25 7.02
N LYS A 77 0.33 7.93 6.84
CA LYS A 77 -0.87 7.20 6.46
C LYS A 77 -1.05 7.43 4.96
N LEU A 78 -1.61 6.44 4.29
CA LEU A 78 -1.88 6.54 2.87
C LEU A 78 -3.38 6.51 2.68
N VAL A 79 -3.91 7.58 2.12
CA VAL A 79 -5.36 7.77 2.06
C VAL A 79 -5.82 7.73 0.62
N ALA A 80 -6.75 6.83 0.31
CA ALA A 80 -7.24 6.69 -1.06
C ALA A 80 -8.11 7.87 -1.45
N ARG A 81 -7.85 8.42 -2.64
CA ARG A 81 -8.53 9.63 -3.08
C ARG A 81 -10.05 9.45 -3.19
N HIS A 82 -10.49 8.27 -3.63
CA HIS A 82 -11.91 8.11 -3.93
C HIS A 82 -12.75 7.95 -2.67
N SER A 83 -12.13 7.54 -1.57
CA SER A 83 -12.88 7.13 -0.39
C SER A 83 -12.51 7.87 0.88
N GLY A 84 -11.30 8.43 0.93
CA GLY A 84 -10.79 9.07 2.12
C GLY A 84 -10.46 8.09 3.23
N LYS A 85 -10.39 6.80 2.87
CA LYS A 85 -10.07 5.76 3.85
C LYS A 85 -8.59 5.35 3.71
N ALA A 86 -8.04 4.71 4.72
CA ALA A 86 -6.59 4.53 4.81
C ALA A 86 -6.13 3.10 4.53
N LEU A 87 -4.90 2.98 4.03
CA LEU A 87 -4.23 1.69 3.79
C LEU A 87 -4.01 1.01 5.13
N ASP A 88 -4.48 -0.23 5.26
CA ASP A 88 -4.70 -0.83 6.58
C ASP A 88 -4.36 -2.32 6.51
N VAL A 89 -3.59 -2.82 7.46
CA VAL A 89 -3.38 -4.25 7.55
C VAL A 89 -4.52 -4.85 8.37
N GLU A 90 -5.30 -5.69 7.72
CA GLU A 90 -6.55 -6.20 8.25
C GLU A 90 -6.44 -6.77 9.67
N ASN A 91 -7.22 -6.20 10.58
N ASN A 91 -7.21 -6.17 10.58
CA ASN A 91 -7.28 -6.66 11.97
CA ASN A 91 -7.29 -6.62 11.97
C ASN A 91 -5.94 -6.63 12.70
C ASN A 91 -5.98 -6.56 12.75
N ALA A 92 -5.04 -5.76 12.24
CA ALA A 92 -3.72 -5.61 12.85
C ALA A 92 -2.98 -6.94 12.98
N SER A 93 -3.25 -7.88 12.07
CA SER A 93 -2.51 -9.14 12.07
C SER A 93 -1.03 -8.85 11.83
N THR A 94 -0.16 -9.56 12.55
CA THR A 94 1.27 -9.37 12.37
C THR A 94 1.89 -10.47 11.49
N SER A 95 1.06 -11.29 10.86
CA SER A 95 1.56 -12.44 10.09
CA SER A 95 1.60 -12.42 10.11
C SER A 95 2.08 -12.09 8.70
N ASP A 96 3.09 -12.82 8.25
CA ASP A 96 3.44 -12.82 6.84
C ASP A 96 2.17 -13.25 6.12
N GLY A 97 1.77 -12.48 5.11
CA GLY A 97 0.57 -12.81 4.36
C GLY A 97 -0.73 -12.21 4.88
N ALA A 98 -0.68 -11.44 5.96
CA ALA A 98 -1.89 -10.78 6.42
C ALA A 98 -2.39 -9.85 5.30
N ASN A 99 -3.71 -9.77 5.14
CA ASN A 99 -4.30 -8.98 4.07
C ASN A 99 -4.19 -7.47 4.26
N VAL A 100 -4.03 -6.75 3.14
CA VAL A 100 -4.05 -5.29 3.15
C VAL A 100 -5.37 -4.80 2.56
N ILE A 101 -6.03 -3.87 3.26
CA ILE A 101 -7.36 -3.40 2.89
C ILE A 101 -7.40 -1.89 3.04
N GLN A 102 -8.56 -1.28 2.83
CA GLN A 102 -8.75 0.10 3.22
C GLN A 102 -9.72 0.13 4.40
N TYR A 103 -9.53 1.08 5.29
CA TYR A 103 -10.44 1.21 6.43
C TYR A 103 -10.36 2.63 6.93
N SER A 104 -11.47 3.12 7.49
N SER A 104 -11.46 3.13 7.49
CA SER A 104 -11.45 4.44 8.11
CA SER A 104 -11.45 4.47 8.08
C SER A 104 -10.26 4.54 9.06
C SER A 104 -10.29 4.57 9.06
N TYR A 105 -9.57 5.68 9.01
CA TYR A 105 -8.39 5.88 9.83
C TYR A 105 -8.77 6.13 11.29
N SER A 106 -8.13 5.39 12.19
CA SER A 106 -8.33 5.60 13.62
C SER A 106 -7.00 5.75 14.36
N GLY A 107 -5.90 5.88 13.60
CA GLY A 107 -4.59 6.06 14.21
C GLY A 107 -3.90 4.78 14.64
N GLY A 108 -4.44 3.64 14.23
CA GLY A 108 -3.84 2.36 14.60
C GLY A 108 -2.46 2.18 13.98
N ASP A 109 -1.57 1.48 14.68
CA ASP A 109 -0.24 1.21 14.14
C ASP A 109 -0.30 0.38 12.88
N ASN A 110 -1.39 -0.38 12.71
CA ASN A 110 -1.61 -1.17 11.49
C ASN A 110 -2.09 -0.30 10.33
N GLN A 111 -2.19 1.01 10.59
CA GLN A 111 -2.58 1.97 9.56
C GLN A 111 -1.49 3.00 9.32
N GLN A 112 -0.29 2.73 9.83
CA GLN A 112 0.84 3.63 9.65
C GLN A 112 1.96 2.89 8.94
N TRP A 113 2.62 3.57 8.01
CA TRP A 113 3.57 2.94 7.11
C TRP A 113 4.88 3.71 7.08
N ARG A 114 5.99 3.02 7.30
CA ARG A 114 7.31 3.63 7.16
C ARG A 114 7.70 3.58 5.69
N LEU A 115 7.93 4.76 5.10
N LEU A 115 7.98 4.75 5.10
CA LEU A 115 8.43 4.85 3.75
CA LEU A 115 8.39 4.81 3.70
C LEU A 115 9.95 4.77 3.79
C LEU A 115 9.91 4.85 3.55
N VAL A 116 10.51 3.70 3.24
CA VAL A 116 11.96 3.53 3.24
C VAL A 116 12.56 3.56 1.83
N ASP A 117 13.43 4.53 1.59
CA ASP A 117 14.08 4.72 0.30
C ASP A 117 15.12 3.60 0.10
N LEU A 118 14.97 2.82 -0.96
CA LEU A 118 15.82 1.66 -1.21
C LEU A 118 17.10 1.98 -1.97
N GLY A 119 17.21 3.20 -2.47
CA GLY A 119 18.46 3.68 -3.03
C GLY A 119 18.51 3.79 -4.54
N ASP A 120 17.50 3.23 -5.21
CA ASP A 120 17.48 3.20 -6.68
C ASP A 120 16.17 3.73 -7.29
N GLY A 121 15.49 4.60 -6.56
CA GLY A 121 14.25 5.19 -7.05
C GLY A 121 13.02 4.45 -6.56
N TYR A 122 13.24 3.38 -5.81
CA TYR A 122 12.14 2.57 -5.28
C TYR A 122 12.07 2.68 -3.76
N TYR A 123 10.91 2.35 -3.21
CA TYR A 123 10.67 2.33 -1.77
C TYR A 123 10.10 0.99 -1.33
N LYS A 124 10.33 0.64 -0.06
CA LYS A 124 9.47 -0.34 0.60
C LYS A 124 8.62 0.42 1.59
N LEU A 125 7.43 -0.10 1.86
CA LEU A 125 6.52 0.50 2.81
C LEU A 125 6.30 -0.54 3.88
N VAL A 126 6.70 -0.20 5.11
CA VAL A 126 6.73 -1.17 6.17
C VAL A 126 5.70 -0.79 7.24
N ALA A 127 4.77 -1.70 7.50
CA ALA A 127 3.70 -1.43 8.46
C ALA A 127 4.26 -1.27 9.87
N ARG A 128 3.77 -0.26 10.58
CA ARG A 128 4.34 0.08 11.87
C ARG A 128 4.18 -1.06 12.90
N HIS A 129 3.00 -1.68 12.93
CA HIS A 129 2.72 -2.69 13.94
C HIS A 129 3.50 -4.00 13.73
N SER A 130 3.73 -4.36 12.47
CA SER A 130 4.20 -5.69 12.15
C SER A 130 5.64 -5.74 11.65
N GLY A 131 6.14 -4.61 11.15
CA GLY A 131 7.46 -4.57 10.56
C GLY A 131 7.52 -5.31 9.22
N LYS A 132 6.35 -5.55 8.64
N LYS A 132 6.37 -5.63 8.66
CA LYS A 132 6.18 -6.29 7.38
CA LYS A 132 6.34 -6.33 7.36
C LYS A 132 5.93 -5.34 6.21
C LYS A 132 6.05 -5.32 6.24
N ALA A 133 6.42 -5.71 5.02
CA ALA A 133 6.37 -4.82 3.85
C ALA A 133 5.17 -5.07 2.92
N LEU A 134 4.71 -3.98 2.30
CA LEU A 134 3.66 -4.03 1.30
C LEU A 134 4.15 -4.91 0.14
N ASP A 135 3.33 -5.88 -0.25
CA ASP A 135 3.79 -7.01 -1.07
C ASP A 135 2.68 -7.46 -2.02
N VAL A 136 2.99 -7.60 -3.31
CA VAL A 136 2.02 -8.20 -4.23
C VAL A 136 2.18 -9.71 -4.19
N GLU A 137 1.13 -10.41 -3.75
CA GLU A 137 1.19 -11.84 -3.47
C GLU A 137 1.80 -12.70 -4.58
N ASN A 138 2.81 -13.48 -4.19
CA ASN A 138 3.50 -14.41 -5.09
C ASN A 138 4.14 -13.77 -6.32
N ALA A 139 4.33 -12.45 -6.28
CA ALA A 139 4.88 -11.71 -7.42
C ALA A 139 4.06 -11.92 -8.68
N SER A 140 2.76 -12.11 -8.52
CA SER A 140 1.85 -12.16 -9.66
C SER A 140 1.87 -10.82 -10.37
N THR A 141 1.81 -10.84 -11.70
CA THR A 141 1.73 -9.59 -12.46
C THR A 141 0.30 -9.39 -12.98
N SER A 142 -0.63 -10.22 -12.53
CA SER A 142 -2.00 -10.16 -12.99
C SER A 142 -2.80 -9.02 -12.38
N ASP A 143 -3.69 -8.43 -13.17
CA ASP A 143 -4.68 -7.51 -12.64
C ASP A 143 -5.45 -8.27 -11.55
N GLY A 144 -5.64 -7.64 -10.39
CA GLY A 144 -6.42 -8.26 -9.34
C GLY A 144 -5.63 -9.10 -8.35
N ALA A 145 -4.32 -9.20 -8.57
CA ALA A 145 -3.47 -9.92 -7.61
C ALA A 145 -3.59 -9.21 -6.27
N ASN A 146 -3.61 -10.00 -5.20
CA ASN A 146 -3.85 -9.43 -3.88
C ASN A 146 -2.63 -8.73 -3.31
N VAL A 147 -2.86 -7.62 -2.61
CA VAL A 147 -1.77 -6.94 -1.90
C VAL A 147 -1.87 -7.32 -0.43
N ILE A 148 -0.74 -7.70 0.13
CA ILE A 148 -0.65 -8.23 1.49
C ILE A 148 0.56 -7.59 2.17
N GLN A 149 0.87 -8.00 3.40
CA GLN A 149 2.16 -7.67 4.01
C GLN A 149 3.01 -8.93 4.09
N TYR A 150 4.33 -8.78 4.02
CA TYR A 150 5.24 -9.91 4.15
C TYR A 150 6.62 -9.35 4.47
N SER A 151 7.42 -10.08 5.27
N SER A 151 7.42 -10.09 5.25
CA SER A 151 8.75 -9.60 5.58
CA SER A 151 8.78 -9.63 5.54
C SER A 151 9.52 -9.24 4.30
C SER A 151 9.49 -9.22 4.27
N TYR A 152 10.18 -8.08 4.31
CA TYR A 152 10.95 -7.63 3.16
C TYR A 152 12.15 -8.54 2.91
N SER A 153 12.25 -9.07 1.69
CA SER A 153 13.43 -9.83 1.27
C SER A 153 13.90 -9.42 -0.12
N GLY A 154 13.54 -8.21 -0.52
CA GLY A 154 14.12 -7.60 -1.71
C GLY A 154 13.50 -8.04 -3.02
N GLY A 155 12.33 -8.67 -2.96
CA GLY A 155 11.60 -9.03 -4.16
C GLY A 155 11.12 -7.78 -4.88
N ASP A 156 11.11 -7.80 -6.21
CA ASP A 156 10.59 -6.65 -6.96
C ASP A 156 9.09 -6.45 -6.70
N ASN A 157 8.42 -7.48 -6.19
CA ASN A 157 7.00 -7.39 -5.83
C ASN A 157 6.79 -6.75 -4.45
N GLN A 158 7.90 -6.33 -3.85
CA GLN A 158 7.91 -5.67 -2.54
C GLN A 158 8.51 -4.27 -2.64
N GLN A 159 8.73 -3.82 -3.88
CA GLN A 159 9.32 -2.50 -4.13
C GLN A 159 8.34 -1.67 -4.94
N TRP A 160 8.25 -0.38 -4.59
CA TRP A 160 7.21 0.49 -5.11
C TRP A 160 7.80 1.80 -5.59
N ARG A 161 7.38 2.24 -6.78
CA ARG A 161 7.75 3.55 -7.28
C ARG A 161 6.64 4.49 -6.82
N LEU A 162 7.02 5.56 -6.13
N LEU A 162 7.03 5.57 -6.14
CA LEU A 162 6.06 6.60 -5.74
CA LEU A 162 6.10 6.62 -5.75
C LEU A 162 6.07 7.69 -6.80
C LEU A 162 6.08 7.70 -6.81
N VAL A 163 5.03 7.70 -7.64
CA VAL A 163 4.95 8.62 -8.76
C VAL A 163 4.03 9.80 -8.47
N ASP A 164 4.63 10.97 -8.43
CA ASP A 164 3.95 12.22 -8.12
C ASP A 164 2.88 12.54 -9.18
N LEU A 165 1.63 12.73 -8.76
CA LEU A 165 0.56 13.05 -9.70
C LEU A 165 0.24 14.52 -9.66
#